data_7FHP
#
_entry.id   7FHP
#
_cell.length_a   202.380
_cell.length_b   39.670
_cell.length_c   92.970
_cell.angle_alpha   90.000
_cell.angle_beta   113.380
_cell.angle_gamma   90.000
#
_symmetry.space_group_name_H-M   'C 1 2 1'
#
loop_
_entity.id
_entity.type
_entity.pdbx_description
1 polymer 'Probable periplasmic iron-transport lipoprotein'
2 non-polymer 'SULFATE ION'
3 non-polymer 'SULFITE ION'
4 non-polymer GLYCEROL
5 non-polymer 1,2-ETHANEDIOL
6 water water
#
_entity_poly.entity_id   1
_entity_poly.type   'polypeptide(L)'
_entity_poly.pdbx_seq_one_letter_code
;MMHHHHHHAVTITHLFGQTVIKEPPKRVVSAGYTEQDDLLAVDVVPIAVTDWFGDQPFAVWPWAAPKLGGARPAVLNLDN
GIQIDRIAALKPDLIVAINAGVDADTYQQLSAIAPTVAQSGGDAFFEPWKDQARSIGQAVFAADRMRSLIEAVDQKFAAV
AQRHPRWRGKKALLLQGRLWQGNVVATLAGWRTDFLNDMGLVIADSIKPFAVDQRGVIPRDHIKAVLDAADVLIWMTESP
EDEKALLADPEIAASQATAQRRHIFTSKEQAGAIAFSSVLSYPVVAEQLPPQISQILGA
;
_entity_poly.pdbx_strand_id   A,B
#
loop_
_chem_comp.id
_chem_comp.type
_chem_comp.name
_chem_comp.formula
EDO non-polymer 1,2-ETHANEDIOL 'C2 H6 O2'
GOL non-polymer GLYCEROL 'C3 H8 O3'
SO3 non-polymer 'SULFITE ION' 'O3 S -2'
SO4 non-polymer 'SULFATE ION' 'O4 S -2'
#
# COMPACT_ATOMS: atom_id res chain seq x y z
N HIS A 8 11.90 35.79 -27.52
CA HIS A 8 12.75 35.24 -26.43
C HIS A 8 11.84 34.41 -25.48
N ALA A 9 10.74 34.96 -24.97
CA ALA A 9 9.95 34.36 -23.86
C ALA A 9 9.35 33.03 -24.35
N VAL A 10 9.30 32.06 -23.45
CA VAL A 10 8.74 30.72 -23.74
C VAL A 10 7.34 30.70 -23.09
N THR A 11 6.28 30.27 -23.78
CA THR A 11 4.97 30.02 -23.12
C THR A 11 4.74 28.53 -23.00
N ILE A 12 4.57 28.02 -21.78
CA ILE A 12 4.22 26.60 -21.53
C ILE A 12 2.70 26.57 -21.31
N THR A 13 2.00 25.70 -22.03
CA THR A 13 0.59 25.37 -21.77
C THR A 13 0.55 24.10 -20.90
N HIS A 14 -0.21 24.13 -19.82
CA HIS A 14 -0.34 22.97 -18.90
C HIS A 14 -1.76 22.90 -18.41
N LEU A 15 -2.04 21.97 -17.53
CA LEU A 15 -3.39 21.66 -17.05
C LEU A 15 -4.05 22.93 -16.48
N PHE A 16 -3.30 23.83 -15.84
CA PHE A 16 -3.90 24.97 -15.07
C PHE A 16 -3.76 26.30 -15.83
N GLY A 17 -3.40 26.29 -17.09
CA GLY A 17 -3.33 27.52 -17.90
C GLY A 17 -2.05 27.58 -18.69
N GLN A 18 -1.46 28.76 -18.73
CA GLN A 18 -0.18 29.04 -19.40
C GLN A 18 0.78 29.70 -18.41
N THR A 19 2.06 29.40 -18.55
CA THR A 19 3.16 30.00 -17.77
C THR A 19 4.15 30.60 -18.75
N VAL A 20 4.46 31.88 -18.62
CA VAL A 20 5.49 32.60 -19.42
C VAL A 20 6.84 32.56 -18.67
N ILE A 21 7.87 32.03 -19.31
CA ILE A 21 9.24 32.07 -18.78
C ILE A 21 10.04 33.08 -19.65
N LYS A 22 10.39 34.22 -19.07
CA LYS A 22 10.93 35.36 -19.86
C LYS A 22 12.35 35.06 -20.36
N GLU A 23 13.15 34.26 -19.64
CA GLU A 23 14.56 34.00 -19.99
C GLU A 23 14.99 32.71 -19.31
N PRO A 24 16.14 32.12 -19.72
CA PRO A 24 16.61 30.88 -19.12
C PRO A 24 16.65 31.04 -17.62
N PRO A 25 16.02 30.11 -16.87
CA PRO A 25 15.90 30.23 -15.42
C PRO A 25 17.24 30.02 -14.69
N LYS A 26 17.49 30.80 -13.65
CA LYS A 26 18.76 30.76 -12.84
C LYS A 26 18.56 30.01 -11.53
N ARG A 27 17.32 29.93 -11.02
CA ARG A 27 17.05 29.43 -9.65
C ARG A 27 15.85 28.52 -9.74
N VAL A 28 16.06 27.24 -10.04
CA VAL A 28 14.91 26.35 -10.36
C VAL A 28 14.64 25.52 -9.12
N VAL A 29 13.37 25.43 -8.75
CA VAL A 29 12.89 24.41 -7.77
C VAL A 29 12.32 23.19 -8.49
N SER A 30 12.79 22.00 -8.12
CA SER A 30 12.18 20.74 -8.64
C SER A 30 11.24 20.23 -7.58
N ALA A 31 9.93 20.49 -7.75
CA ALA A 31 8.87 20.29 -6.74
C ALA A 31 8.30 18.86 -6.80
N GLY A 32 8.63 18.09 -7.86
CA GLY A 32 8.02 16.77 -8.01
C GLY A 32 8.99 15.66 -7.69
N TYR A 33 8.57 14.42 -7.86
CA TYR A 33 9.37 13.26 -7.46
C TYR A 33 10.54 12.99 -8.41
N THR A 34 10.51 13.40 -9.70
CA THR A 34 11.53 12.89 -10.65
C THR A 34 12.14 13.97 -11.55
N GLU A 35 11.67 15.22 -11.52
CA GLU A 35 12.09 16.19 -12.57
C GLU A 35 13.58 16.50 -12.47
N GLN A 36 14.24 16.23 -11.34
CA GLN A 36 15.66 16.58 -11.19
C GLN A 36 16.50 15.88 -12.27
N ASP A 37 16.13 14.66 -12.69
CA ASP A 37 16.93 13.90 -13.67
C ASP A 37 16.95 14.68 -14.98
N ASP A 38 15.79 15.11 -15.46
CA ASP A 38 15.70 15.72 -16.82
C ASP A 38 16.35 17.11 -16.74
N LEU A 39 16.25 17.83 -15.61
CA LEU A 39 16.91 19.15 -15.42
C LEU A 39 18.43 18.97 -15.43
N LEU A 40 18.95 18.04 -14.61
CA LEU A 40 20.39 17.78 -14.51
C LEU A 40 20.97 17.37 -15.88
N ALA A 41 20.19 16.66 -16.68
CA ALA A 41 20.60 16.13 -17.98
C ALA A 41 20.93 17.31 -18.88
N VAL A 42 20.28 18.45 -18.76
CA VAL A 42 20.58 19.67 -19.58
C VAL A 42 21.29 20.72 -18.74
N ASP A 43 21.94 20.26 -17.64
CA ASP A 43 22.94 20.98 -16.84
C ASP A 43 22.26 22.11 -16.11
N VAL A 44 21.02 21.90 -15.70
CA VAL A 44 20.30 22.81 -14.81
C VAL A 44 20.32 22.13 -13.44
N VAL A 45 21.10 22.67 -12.52
CA VAL A 45 21.17 22.16 -11.15
C VAL A 45 20.06 22.89 -10.36
N PRO A 46 19.05 22.16 -9.89
CA PRO A 46 18.01 22.74 -9.04
C PRO A 46 18.54 23.24 -7.71
N ILE A 47 18.00 24.37 -7.22
CA ILE A 47 18.32 24.90 -5.86
C ILE A 47 17.57 24.07 -4.81
N ALA A 48 16.58 23.27 -5.22
CA ALA A 48 15.80 22.34 -4.37
C ALA A 48 15.33 21.15 -5.17
N VAL A 49 15.48 19.95 -4.60
CA VAL A 49 15.02 18.69 -5.21
C VAL A 49 14.03 18.08 -4.22
N THR A 50 13.04 17.34 -4.68
CA THR A 50 12.03 16.75 -3.79
C THR A 50 12.28 15.26 -3.65
N ASP A 51 12.42 14.80 -2.42
CA ASP A 51 12.68 13.39 -2.13
C ASP A 51 11.47 12.55 -2.53
N TRP A 52 11.75 11.33 -2.96
CA TRP A 52 10.72 10.34 -3.25
C TRP A 52 11.03 9.10 -2.41
N PHE A 53 12.05 8.35 -2.70
CA PHE A 53 12.36 7.17 -1.87
C PHE A 53 13.81 6.84 -2.10
N GLY A 54 14.31 5.89 -1.32
CA GLY A 54 15.69 5.38 -1.39
C GLY A 54 16.69 6.10 -0.52
N ASP A 55 16.35 7.21 0.13
CA ASP A 55 17.29 7.98 0.99
C ASP A 55 18.60 8.25 0.26
N GLN A 56 18.54 8.79 -0.95
CA GLN A 56 19.72 9.25 -1.68
C GLN A 56 20.12 10.62 -1.16
N PRO A 57 21.44 10.92 -1.15
CA PRO A 57 21.94 12.25 -0.83
C PRO A 57 21.41 13.29 -1.83
N PHE A 58 20.86 14.37 -1.29
CA PHE A 58 20.14 15.42 -2.04
C PHE A 58 18.98 14.88 -2.87
N ALA A 59 18.50 13.65 -2.58
CA ALA A 59 17.45 12.96 -3.36
C ALA A 59 17.83 12.81 -4.84
N VAL A 60 19.12 12.79 -5.12
CA VAL A 60 19.67 12.55 -6.48
C VAL A 60 20.37 11.18 -6.50
N TRP A 61 19.83 10.31 -7.31
CA TRP A 61 20.27 8.90 -7.44
C TRP A 61 21.58 8.82 -8.22
N PRO A 62 22.29 7.66 -8.13
CA PRO A 62 23.71 7.69 -8.53
C PRO A 62 23.94 8.09 -9.98
N TRP A 63 23.00 7.74 -10.89
CA TRP A 63 23.13 7.99 -12.35
C TRP A 63 23.14 9.49 -12.61
N ALA A 64 22.57 10.30 -11.72
CA ALA A 64 22.40 11.76 -11.94
C ALA A 64 23.32 12.56 -11.05
N ALA A 65 23.87 11.93 -10.02
CA ALA A 65 24.62 12.63 -8.97
C ALA A 65 25.77 13.42 -9.60
N PRO A 66 26.48 12.92 -10.66
CA PRO A 66 27.66 13.64 -11.15
C PRO A 66 27.32 15.07 -11.62
N LYS A 67 26.11 15.25 -12.10
CA LYS A 67 25.67 16.51 -12.71
C LYS A 67 25.54 17.60 -11.64
N LEU A 68 25.56 17.22 -10.35
CA LEU A 68 25.37 18.21 -9.26
C LEU A 68 26.62 19.05 -9.23
N GLY A 69 27.74 18.44 -9.59
CA GLY A 69 29.03 19.14 -9.64
C GLY A 69 29.34 19.66 -8.26
N GLY A 70 28.96 18.88 -7.24
CA GLY A 70 29.25 19.26 -5.83
C GLY A 70 28.17 20.15 -5.21
N ALA A 71 27.12 20.53 -5.93
CA ALA A 71 26.04 21.41 -5.40
C ALA A 71 25.26 20.62 -4.33
N ARG A 72 24.68 21.34 -3.37
CA ARG A 72 23.95 20.76 -2.22
C ARG A 72 22.56 21.38 -2.17
N PRO A 73 21.64 21.03 -3.06
CA PRO A 73 20.31 21.61 -3.03
C PRO A 73 19.60 21.32 -1.69
N ALA A 74 18.74 22.23 -1.28
CA ALA A 74 17.68 21.96 -0.29
C ALA A 74 16.87 20.70 -0.72
N VAL A 75 16.47 19.87 0.26
CA VAL A 75 15.68 18.65 0.02
C VAL A 75 14.26 18.87 0.53
N LEU A 76 13.30 18.97 -0.36
CA LEU A 76 11.87 19.14 -0.03
C LEU A 76 11.26 17.72 0.13
N ASN A 77 10.06 17.62 0.71
CA ASN A 77 9.35 16.33 0.80
C ASN A 77 7.86 16.61 0.61
N LEU A 78 7.09 15.57 0.24
CA LEU A 78 5.61 15.70 0.08
C LEU A 78 4.85 14.97 1.19
N ASP A 79 5.51 14.71 2.31
CA ASP A 79 4.91 13.92 3.43
C ASP A 79 3.65 14.62 3.99
N ASN A 80 3.65 15.95 4.10
CA ASN A 80 2.49 16.78 4.51
C ASN A 80 2.14 17.77 3.40
N GLY A 81 2.10 17.32 2.17
CA GLY A 81 1.92 18.13 0.96
C GLY A 81 3.13 18.95 0.56
N ILE A 82 2.97 19.73 -0.50
CA ILE A 82 4.00 20.67 -1.01
C ILE A 82 4.36 21.71 0.07
N GLN A 83 5.64 21.89 0.30
CA GLN A 83 6.25 22.78 1.31
C GLN A 83 6.34 24.18 0.69
N ILE A 84 5.16 24.76 0.54
CA ILE A 84 4.93 26.09 -0.07
C ILE A 84 5.83 27.13 0.57
N ASP A 85 5.90 27.20 1.89
CA ASP A 85 6.70 28.23 2.60
C ASP A 85 8.20 27.98 2.37
N ARG A 86 8.68 26.74 2.42
CA ARG A 86 10.11 26.49 2.14
C ARG A 86 10.43 26.92 0.71
N ILE A 87 9.56 26.61 -0.27
CA ILE A 87 9.73 27.05 -1.68
C ILE A 87 9.82 28.58 -1.72
N ALA A 88 8.92 29.27 -1.05
CA ALA A 88 8.94 30.76 -1.10
C ALA A 88 10.30 31.26 -0.60
N ALA A 89 10.84 30.65 0.45
CA ALA A 89 12.09 31.14 1.07
C ALA A 89 13.31 30.91 0.15
N LEU A 90 13.24 29.95 -0.74
CA LEU A 90 14.31 29.67 -1.76
C LEU A 90 14.31 30.70 -2.90
N LYS A 91 13.29 31.57 -3.03
CA LYS A 91 13.25 32.63 -4.07
C LYS A 91 13.57 32.06 -5.45
N PRO A 92 12.81 31.07 -5.92
CA PRO A 92 13.04 30.52 -7.25
C PRO A 92 12.61 31.54 -8.31
N ASP A 93 13.08 31.37 -9.55
CA ASP A 93 12.53 32.11 -10.72
C ASP A 93 11.77 31.11 -11.59
N LEU A 94 11.86 29.81 -11.32
CA LEU A 94 10.96 28.81 -11.92
C LEU A 94 10.75 27.64 -10.96
N ILE A 95 9.48 27.19 -10.88
CA ILE A 95 9.09 26.00 -10.12
C ILE A 95 8.63 24.95 -11.14
N VAL A 96 9.33 23.85 -11.17
CA VAL A 96 8.94 22.69 -12.03
C VAL A 96 8.15 21.74 -11.13
N ALA A 97 6.84 21.64 -11.37
CA ALA A 97 5.92 20.86 -10.53
C ALA A 97 5.04 19.98 -11.40
N ILE A 98 5.66 19.10 -12.16
CA ILE A 98 4.93 18.25 -13.15
C ILE A 98 4.52 16.97 -12.42
N ASN A 99 5.37 16.47 -11.51
CA ASN A 99 5.18 15.14 -10.87
C ASN A 99 5.04 15.35 -9.36
N ALA A 100 4.11 16.20 -8.94
CA ALA A 100 4.05 16.77 -7.58
C ALA A 100 2.63 16.70 -6.99
N GLY A 101 1.67 16.13 -7.71
CA GLY A 101 0.26 16.10 -7.30
C GLY A 101 -0.37 17.47 -7.31
N VAL A 102 0.10 18.40 -8.12
CA VAL A 102 -0.47 19.77 -8.13
C VAL A 102 -1.95 19.68 -8.49
N ASP A 103 -2.78 20.48 -7.80
CA ASP A 103 -4.23 20.71 -8.07
C ASP A 103 -4.45 22.23 -8.16
N ALA A 104 -5.68 22.68 -8.43
CA ALA A 104 -5.96 24.09 -8.79
C ALA A 104 -5.42 24.99 -7.66
N ASP A 105 -5.57 24.53 -6.42
CA ASP A 105 -5.25 25.33 -5.22
C ASP A 105 -3.71 25.41 -5.07
N THR A 106 -3.01 24.28 -5.01
CA THR A 106 -1.53 24.34 -4.85
C THR A 106 -0.95 25.08 -6.07
N TYR A 107 -1.54 24.99 -7.25
CA TYR A 107 -0.99 25.71 -8.44
C TYR A 107 -1.07 27.23 -8.19
N GLN A 108 -2.14 27.73 -7.54
CA GLN A 108 -2.27 29.18 -7.22
C GLN A 108 -1.15 29.55 -6.24
N GLN A 109 -0.88 28.65 -5.28
CA GLN A 109 0.12 28.93 -4.20
C GLN A 109 1.51 29.00 -4.87
N LEU A 110 1.88 28.00 -5.67
CA LEU A 110 3.19 28.00 -6.38
C LEU A 110 3.33 29.23 -7.30
N SER A 111 2.30 29.55 -8.07
CA SER A 111 2.32 30.66 -9.07
C SER A 111 2.47 32.01 -8.36
N ALA A 112 1.96 32.11 -7.13
CA ALA A 112 2.11 33.36 -6.32
C ALA A 112 3.59 33.57 -5.99
N ILE A 113 4.40 32.49 -5.92
CA ILE A 113 5.86 32.59 -5.63
C ILE A 113 6.64 32.85 -6.93
N ALA A 114 6.37 32.10 -8.00
CA ALA A 114 7.22 32.08 -9.23
C ALA A 114 6.47 31.43 -10.39
N PRO A 115 6.85 31.73 -11.66
CA PRO A 115 6.36 30.96 -12.79
C PRO A 115 6.50 29.45 -12.48
N THR A 116 5.41 28.71 -12.66
CA THR A 116 5.26 27.30 -12.28
C THR A 116 4.79 26.49 -13.51
N VAL A 117 5.53 25.43 -13.81
CA VAL A 117 5.19 24.43 -14.85
C VAL A 117 4.55 23.24 -14.15
N ALA A 118 3.24 23.13 -14.34
CA ALA A 118 2.46 21.99 -13.88
C ALA A 118 2.38 20.91 -14.97
N GLN A 119 1.81 19.77 -14.60
CA GLN A 119 1.51 18.64 -15.51
C GLN A 119 0.59 19.13 -16.63
N SER A 120 0.58 18.35 -17.72
CA SER A 120 -0.15 18.73 -18.94
C SER A 120 -1.56 18.15 -18.89
N GLY A 121 -1.84 17.15 -18.05
CA GLY A 121 -3.09 16.37 -18.17
C GLY A 121 -3.61 15.84 -16.85
N GLY A 122 -4.37 14.75 -16.97
CA GLY A 122 -5.12 14.11 -15.87
C GLY A 122 -4.24 13.33 -14.92
N ASP A 123 -2.97 13.13 -15.27
CA ASP A 123 -1.98 12.50 -14.36
C ASP A 123 -1.27 13.62 -13.57
N ALA A 124 -1.63 13.76 -12.29
CA ALA A 124 -1.05 14.80 -11.40
C ALA A 124 0.37 14.34 -10.98
N PHE A 125 0.57 13.02 -11.03
CA PHE A 125 1.85 12.32 -10.83
C PHE A 125 2.03 11.37 -12.01
N PHE A 126 3.27 11.21 -12.43
CA PHE A 126 3.77 10.20 -13.39
C PHE A 126 2.96 10.29 -14.70
N GLU A 127 2.88 11.50 -15.26
CA GLU A 127 2.59 11.64 -16.68
C GLU A 127 3.66 10.96 -17.53
N PRO A 128 3.36 10.65 -18.82
CA PRO A 128 4.32 10.02 -19.73
C PRO A 128 5.69 10.70 -19.72
N TRP A 129 6.72 9.90 -19.56
CA TRP A 129 8.08 10.44 -19.27
C TRP A 129 8.56 11.39 -20.38
N LYS A 130 8.29 11.11 -21.64
CA LYS A 130 8.73 11.93 -22.76
C LYS A 130 8.00 13.27 -22.74
N ASP A 131 6.75 13.32 -22.30
CA ASP A 131 6.00 14.61 -22.23
C ASP A 131 6.59 15.45 -21.10
N GLN A 132 6.96 14.80 -20.01
CA GLN A 132 7.69 15.48 -18.89
C GLN A 132 9.04 16.04 -19.41
N ALA A 133 9.79 15.20 -20.09
CA ALA A 133 11.17 15.57 -20.54
C ALA A 133 11.05 16.73 -21.55
N ARG A 134 10.08 16.71 -22.45
CA ARG A 134 9.95 17.77 -23.47
C ARG A 134 9.52 19.08 -22.83
N SER A 135 8.57 19.03 -21.90
CA SER A 135 8.14 20.23 -21.13
CA SER A 135 8.14 20.23 -21.13
C SER A 135 9.33 20.85 -20.38
N ILE A 136 10.08 20.04 -19.66
CA ILE A 136 11.31 20.52 -18.95
C ILE A 136 12.29 21.17 -19.94
N GLY A 137 12.49 20.52 -21.09
CA GLY A 137 13.37 20.97 -22.18
C GLY A 137 12.91 22.33 -22.67
N GLN A 138 11.60 22.53 -22.82
CA GLN A 138 11.08 23.83 -23.33
C GLN A 138 11.33 24.87 -22.25
N ALA A 139 10.97 24.55 -21.00
CA ALA A 139 10.99 25.48 -19.86
C ALA A 139 12.38 26.01 -19.59
N VAL A 140 13.43 25.24 -19.82
CA VAL A 140 14.81 25.68 -19.44
C VAL A 140 15.64 25.94 -20.71
N PHE A 141 14.98 26.19 -21.85
CA PHE A 141 15.57 26.68 -23.11
C PHE A 141 16.62 25.66 -23.57
N ALA A 142 16.32 24.37 -23.46
CA ALA A 142 17.24 23.31 -23.93
C ALA A 142 16.47 22.22 -24.72
N ALA A 143 15.52 22.60 -25.57
CA ALA A 143 14.59 21.65 -26.24
C ALA A 143 15.40 20.75 -27.18
N ASP A 144 16.36 21.30 -27.94
CA ASP A 144 17.16 20.50 -28.91
CA ASP A 144 17.14 20.49 -28.90
C ASP A 144 18.02 19.46 -28.17
N ARG A 145 18.68 19.88 -27.08
CA ARG A 145 19.51 18.95 -26.26
C ARG A 145 18.60 17.86 -25.69
N MET A 146 17.43 18.26 -25.19
CA MET A 146 16.49 17.29 -24.57
C MET A 146 16.03 16.32 -25.66
N ARG A 147 15.81 16.82 -26.86
CA ARG A 147 15.37 15.91 -27.97
C ARG A 147 16.41 14.81 -28.18
N SER A 148 17.70 15.15 -28.20
CA SER A 148 18.77 14.16 -28.48
CA SER A 148 18.73 14.13 -28.51
C SER A 148 18.83 13.16 -27.32
N LEU A 149 18.60 13.64 -26.08
CA LEU A 149 18.67 12.75 -24.89
C LEU A 149 17.53 11.71 -24.94
N ILE A 150 16.32 12.12 -25.30
CA ILE A 150 15.16 11.22 -25.47
C ILE A 150 15.50 10.18 -26.56
N GLU A 151 16.00 10.65 -27.68
CA GLU A 151 16.37 9.77 -28.84
C GLU A 151 17.37 8.69 -28.39
N ALA A 152 18.32 9.08 -27.54
CA ALA A 152 19.44 8.21 -27.12
C ALA A 152 18.90 7.06 -26.25
N VAL A 153 17.85 7.31 -25.44
CA VAL A 153 17.20 6.27 -24.60
C VAL A 153 16.58 5.25 -25.57
N ASP A 154 15.75 5.72 -26.49
CA ASP A 154 15.10 4.83 -27.50
C ASP A 154 16.19 4.05 -28.24
N GLN A 155 17.29 4.69 -28.64
CA GLN A 155 18.37 4.01 -29.44
C GLN A 155 18.96 2.88 -28.59
N LYS A 156 19.20 3.15 -27.31
CA LYS A 156 19.86 2.20 -26.39
C LYS A 156 19.00 0.98 -26.23
N PHE A 157 17.69 1.13 -26.08
CA PHE A 157 16.81 -0.04 -25.93
C PHE A 157 16.67 -0.77 -27.27
N ALA A 158 16.63 -0.06 -28.38
CA ALA A 158 16.53 -0.71 -29.71
C ALA A 158 17.78 -1.56 -29.93
N ALA A 159 18.92 -1.07 -29.44
CA ALA A 159 20.23 -1.77 -29.62
C ALA A 159 20.15 -3.09 -28.85
N VAL A 160 19.44 -3.11 -27.73
CA VAL A 160 19.32 -4.35 -26.93
C VAL A 160 18.60 -5.35 -27.82
N ALA A 161 17.53 -4.88 -28.47
CA ALA A 161 16.67 -5.74 -29.27
C ALA A 161 17.48 -6.33 -30.42
N GLN A 162 18.31 -5.48 -31.07
CA GLN A 162 19.18 -5.93 -32.18
C GLN A 162 20.09 -7.06 -31.69
N ARG A 163 20.58 -7.04 -30.44
CA ARG A 163 21.50 -8.09 -29.91
C ARG A 163 20.74 -9.36 -29.47
N HIS A 164 19.41 -9.29 -29.35
CA HIS A 164 18.57 -10.40 -28.79
C HIS A 164 17.32 -10.61 -29.63
N PRO A 165 17.47 -10.94 -30.92
CA PRO A 165 16.33 -11.22 -31.77
C PRO A 165 15.49 -12.39 -31.24
N ARG A 166 16.07 -13.31 -30.48
CA ARG A 166 15.32 -14.49 -29.93
C ARG A 166 14.26 -14.02 -28.91
N TRP A 167 14.35 -12.78 -28.40
CA TRP A 167 13.39 -12.31 -27.36
C TRP A 167 12.06 -11.91 -28.00
N ARG A 168 12.01 -11.76 -29.33
CA ARG A 168 10.89 -11.06 -29.99
CA ARG A 168 10.89 -11.07 -30.01
C ARG A 168 9.61 -11.83 -29.65
N GLY A 169 8.59 -11.18 -29.12
CA GLY A 169 7.30 -11.87 -28.85
C GLY A 169 7.33 -12.65 -27.51
N LYS A 170 8.44 -12.69 -26.79
CA LYS A 170 8.41 -13.27 -25.40
C LYS A 170 7.62 -12.34 -24.49
N LYS A 171 6.92 -12.93 -23.53
CA LYS A 171 5.94 -12.21 -22.68
C LYS A 171 6.60 -11.83 -21.34
N ALA A 172 6.56 -10.53 -21.03
CA ALA A 172 7.05 -9.95 -19.78
C ALA A 172 5.89 -9.43 -18.91
N LEU A 173 6.10 -9.46 -17.61
CA LEU A 173 5.36 -8.63 -16.64
C LEU A 173 6.38 -7.85 -15.79
N LEU A 174 6.00 -6.65 -15.47
CA LEU A 174 6.73 -5.69 -14.61
C LEU A 174 5.89 -5.51 -13.35
N LEU A 175 6.40 -5.99 -12.21
CA LEU A 175 5.65 -6.03 -10.92
C LEU A 175 6.32 -5.11 -9.91
N GLN A 176 5.54 -4.55 -8.98
CA GLN A 176 6.07 -3.90 -7.78
C GLN A 176 6.78 -4.93 -6.89
N GLY A 177 7.79 -4.48 -6.15
CA GLY A 177 8.75 -5.26 -5.32
C GLY A 177 8.13 -5.79 -4.04
N ARG A 178 6.89 -5.41 -3.80
CA ARG A 178 6.11 -5.78 -2.58
C ARG A 178 4.68 -6.11 -2.94
N LEU A 179 4.13 -7.13 -2.26
CA LEU A 179 2.69 -7.39 -2.27
C LEU A 179 2.03 -6.22 -1.59
N TRP A 180 0.78 -5.93 -1.97
CA TRP A 180 -0.07 -4.93 -1.29
C TRP A 180 -1.29 -5.66 -0.73
N GLN A 181 -1.32 -5.78 0.61
CA GLN A 181 -2.43 -6.44 1.36
C GLN A 181 -2.65 -7.81 0.73
N GLY A 182 -1.56 -8.53 0.37
CA GLY A 182 -1.65 -9.90 -0.14
C GLY A 182 -1.71 -10.02 -1.66
N ASN A 183 -1.76 -8.90 -2.37
CA ASN A 183 -1.99 -8.85 -3.85
C ASN A 183 -0.67 -8.56 -4.58
N VAL A 184 -0.48 -9.19 -5.73
CA VAL A 184 0.62 -8.78 -6.65
C VAL A 184 0.13 -7.50 -7.31
N VAL A 185 1.00 -6.54 -7.52
CA VAL A 185 0.66 -5.26 -8.20
C VAL A 185 1.52 -5.14 -9.45
N ALA A 186 0.90 -5.23 -10.63
CA ALA A 186 1.60 -5.22 -11.91
C ALA A 186 1.48 -3.83 -12.50
N THR A 187 2.50 -3.37 -13.18
CA THR A 187 2.40 -2.21 -14.08
C THR A 187 1.59 -2.61 -15.30
N LEU A 188 0.49 -1.93 -15.59
CA LEU A 188 -0.30 -2.21 -16.81
C LEU A 188 0.49 -1.80 -18.06
N ALA A 189 0.22 -2.45 -19.20
CA ALA A 189 0.74 -1.96 -20.50
C ALA A 189 0.38 -0.47 -20.62
N GLY A 190 1.36 0.33 -20.94
CA GLY A 190 1.18 1.77 -21.20
C GLY A 190 2.57 2.36 -21.31
N TRP A 191 2.73 3.68 -21.23
CA TRP A 191 4.08 4.27 -21.42
C TRP A 191 5.11 3.60 -20.51
N ARG A 192 4.76 3.18 -19.27
CA ARG A 192 5.81 2.68 -18.38
C ARG A 192 6.33 1.33 -18.87
N THR A 193 5.68 0.64 -19.85
CA THR A 193 6.19 -0.65 -20.36
C THR A 193 6.74 -0.51 -21.78
N ASP A 194 6.84 0.71 -22.30
CA ASP A 194 7.30 0.93 -23.69
C ASP A 194 8.76 0.41 -23.75
N PHE A 195 9.56 0.59 -22.68
CA PHE A 195 11.00 0.19 -22.75
C PHE A 195 11.09 -1.35 -22.93
N LEU A 196 10.10 -2.13 -22.44
CA LEU A 196 10.11 -3.60 -22.66
C LEU A 196 9.76 -3.90 -24.12
N ASN A 197 8.78 -3.22 -24.72
CA ASN A 197 8.42 -3.38 -26.16
C ASN A 197 9.64 -2.99 -26.98
N ASP A 198 10.38 -1.98 -26.54
CA ASP A 198 11.59 -1.48 -27.26
C ASP A 198 12.64 -2.60 -27.38
N MET A 199 12.71 -3.54 -26.42
CA MET A 199 13.69 -4.65 -26.46
C MET A 199 13.12 -5.88 -27.19
N GLY A 200 11.89 -5.78 -27.70
CA GLY A 200 11.18 -6.78 -28.53
C GLY A 200 10.20 -7.63 -27.72
N LEU A 201 10.03 -7.35 -26.42
CA LEU A 201 9.10 -8.12 -25.58
C LEU A 201 7.69 -7.60 -25.76
N VAL A 202 6.73 -8.40 -25.33
CA VAL A 202 5.30 -8.02 -25.22
CA VAL A 202 5.33 -7.93 -25.19
C VAL A 202 4.90 -8.11 -23.76
N ILE A 203 3.91 -7.33 -23.35
CA ILE A 203 3.36 -7.40 -21.98
C ILE A 203 2.28 -8.47 -21.94
N ALA A 204 2.38 -9.44 -21.06
CA ALA A 204 1.39 -10.52 -20.95
C ALA A 204 0.00 -9.90 -20.67
N ASP A 205 -1.07 -10.39 -21.30
CA ASP A 205 -2.42 -9.75 -21.20
C ASP A 205 -3.21 -10.34 -20.01
N SER A 206 -2.59 -11.21 -19.23
CA SER A 206 -3.17 -11.85 -18.03
C SER A 206 -3.54 -10.79 -16.98
N ILE A 207 -2.88 -9.61 -16.95
CA ILE A 207 -3.18 -8.60 -15.90
C ILE A 207 -4.36 -7.71 -16.28
N LYS A 208 -4.79 -7.72 -17.55
CA LYS A 208 -5.78 -6.75 -18.05
C LYS A 208 -7.08 -6.75 -17.23
N PRO A 209 -7.67 -7.90 -16.83
CA PRO A 209 -8.93 -7.90 -16.12
C PRO A 209 -8.81 -7.30 -14.71
N PHE A 210 -7.61 -6.98 -14.23
CA PHE A 210 -7.39 -6.64 -12.80
C PHE A 210 -6.96 -5.16 -12.67
N ALA A 211 -7.26 -4.36 -13.70
CA ALA A 211 -6.86 -2.95 -13.75
C ALA A 211 -7.49 -2.19 -12.60
N VAL A 212 -6.68 -1.39 -11.93
CA VAL A 212 -7.11 -0.24 -11.12
C VAL A 212 -6.27 0.95 -11.55
N ASP A 213 -6.83 1.91 -12.24
CA ASP A 213 -6.07 3.03 -12.83
C ASP A 213 -4.90 2.48 -13.67
N GLN A 214 -3.66 2.78 -13.34
CA GLN A 214 -2.49 2.38 -14.17
C GLN A 214 -1.85 1.08 -13.66
N ARG A 215 -2.49 0.34 -12.76
CA ARG A 215 -1.86 -0.90 -12.27
C ARG A 215 -2.86 -2.04 -12.17
N GLY A 216 -2.33 -3.24 -12.11
CA GLY A 216 -3.13 -4.47 -12.04
C GLY A 216 -3.01 -5.01 -10.66
N VAL A 217 -4.09 -5.08 -9.93
CA VAL A 217 -4.08 -5.56 -8.52
C VAL A 217 -4.71 -6.95 -8.53
N ILE A 218 -3.85 -7.94 -8.40
CA ILE A 218 -4.13 -9.36 -8.72
C ILE A 218 -4.68 -10.03 -7.48
N PRO A 219 -5.96 -10.45 -7.51
CA PRO A 219 -6.54 -11.22 -6.43
C PRO A 219 -5.71 -12.48 -6.14
N ARG A 220 -5.68 -12.89 -4.89
CA ARG A 220 -4.82 -14.01 -4.46
C ARG A 220 -5.15 -15.28 -5.27
N ASP A 221 -6.42 -15.58 -5.49
CA ASP A 221 -6.85 -16.82 -6.22
C ASP A 221 -6.48 -16.76 -7.71
N HIS A 222 -6.07 -15.59 -8.22
CA HIS A 222 -5.55 -15.46 -9.61
C HIS A 222 -4.04 -15.25 -9.69
N ILE A 223 -3.30 -15.20 -8.59
CA ILE A 223 -1.84 -14.86 -8.69
C ILE A 223 -1.13 -15.88 -9.58
N LYS A 224 -1.38 -17.18 -9.36
CA LYS A 224 -0.61 -18.22 -10.06
C LYS A 224 -0.84 -18.11 -11.57
N ALA A 225 -2.08 -18.10 -12.03
CA ALA A 225 -2.43 -18.15 -13.46
C ALA A 225 -1.95 -16.86 -14.11
N VAL A 226 -2.04 -15.71 -13.43
CA VAL A 226 -1.58 -14.43 -14.04
C VAL A 226 -0.06 -14.47 -14.24
N LEU A 227 0.73 -14.90 -13.23
CA LEU A 227 2.20 -14.94 -13.34
C LEU A 227 2.64 -15.98 -14.37
N ASP A 228 1.92 -17.09 -14.48
CA ASP A 228 2.28 -18.26 -15.33
C ASP A 228 2.05 -17.95 -16.82
N ALA A 229 1.36 -16.87 -17.14
CA ALA A 229 1.22 -16.36 -18.53
C ALA A 229 2.52 -15.78 -19.08
N ALA A 230 3.50 -15.45 -18.24
CA ALA A 230 4.68 -14.66 -18.67
C ALA A 230 5.86 -15.58 -18.88
N ASP A 231 6.77 -15.21 -19.75
CA ASP A 231 8.07 -15.92 -19.96
C ASP A 231 9.13 -15.33 -19.01
N VAL A 232 8.98 -14.07 -18.66
CA VAL A 232 9.96 -13.41 -17.76
C VAL A 232 9.18 -12.45 -16.87
N LEU A 233 9.49 -12.44 -15.59
CA LEU A 233 8.82 -11.54 -14.60
C LEU A 233 9.89 -10.64 -14.02
N ILE A 234 9.69 -9.34 -14.09
CA ILE A 234 10.64 -8.36 -13.50
C ILE A 234 9.97 -7.76 -12.27
N TRP A 235 10.48 -8.09 -11.10
CA TRP A 235 9.98 -7.57 -9.81
C TRP A 235 10.87 -6.43 -9.35
N MET A 236 10.30 -5.27 -9.11
CA MET A 236 11.10 -4.07 -8.75
C MET A 236 11.42 -4.11 -7.22
N THR A 237 12.08 -5.16 -6.79
CA THR A 237 12.56 -5.35 -5.40
C THR A 237 13.60 -4.29 -5.12
N GLU A 238 13.68 -3.85 -3.86
CA GLU A 238 14.67 -2.83 -3.42
C GLU A 238 15.65 -3.40 -2.39
N SER A 239 15.55 -4.68 -2.11
CA SER A 239 16.35 -5.36 -1.08
C SER A 239 16.19 -6.86 -1.22
N PRO A 240 17.19 -7.63 -0.77
CA PRO A 240 17.06 -9.09 -0.70
C PRO A 240 15.88 -9.53 0.18
N GLU A 241 15.50 -8.72 1.17
CA GLU A 241 14.31 -9.00 2.05
C GLU A 241 13.04 -8.96 1.19
N ASP A 242 12.95 -8.02 0.24
CA ASP A 242 11.79 -7.95 -0.68
C ASP A 242 11.71 -9.27 -1.45
N GLU A 243 12.84 -9.74 -1.97
CA GLU A 243 12.84 -10.97 -2.80
C GLU A 243 12.37 -12.16 -1.96
N LYS A 244 12.89 -12.23 -0.74
CA LYS A 244 12.59 -13.34 0.22
C LYS A 244 11.08 -13.37 0.46
N ALA A 245 10.46 -12.23 0.69
CA ALA A 245 9.01 -12.16 1.03
C ALA A 245 8.18 -12.57 -0.19
N LEU A 246 8.59 -12.19 -1.41
CA LEU A 246 7.87 -12.63 -2.62
C LEU A 246 7.99 -14.15 -2.76
N LEU A 247 9.16 -14.70 -2.59
CA LEU A 247 9.34 -16.16 -2.82
C LEU A 247 8.69 -16.99 -1.69
N ALA A 248 8.49 -16.42 -0.49
CA ALA A 248 7.74 -17.05 0.62
C ALA A 248 6.21 -17.02 0.41
N ASP A 249 5.68 -16.17 -0.47
CA ASP A 249 4.21 -16.11 -0.69
C ASP A 249 3.75 -17.46 -1.23
N PRO A 250 2.77 -18.13 -0.60
CA PRO A 250 2.39 -19.45 -1.06
C PRO A 250 1.91 -19.51 -2.52
N GLU A 251 1.23 -18.48 -3.06
CA GLU A 251 0.79 -18.50 -4.49
C GLU A 251 2.00 -18.31 -5.43
N ILE A 252 2.89 -17.37 -5.15
CA ILE A 252 4.11 -17.15 -5.98
C ILE A 252 4.96 -18.43 -5.94
N ALA A 253 5.18 -18.99 -4.77
CA ALA A 253 6.01 -20.20 -4.53
C ALA A 253 5.49 -21.37 -5.37
N ALA A 254 4.20 -21.54 -5.51
CA ALA A 254 3.57 -22.71 -6.18
C ALA A 254 3.47 -22.47 -7.69
N SER A 255 3.85 -21.29 -8.19
CA SER A 255 3.64 -20.93 -9.61
C SER A 255 4.73 -21.56 -10.52
N GLN A 256 4.42 -21.77 -11.80
CA GLN A 256 5.43 -22.19 -12.80
C GLN A 256 6.50 -21.11 -12.94
N ALA A 257 6.19 -19.83 -12.77
CA ALA A 257 7.23 -18.78 -12.76
C ALA A 257 8.35 -19.15 -11.75
N THR A 258 8.01 -19.69 -10.58
CA THR A 258 9.00 -20.05 -9.56
C THR A 258 9.64 -21.39 -9.95
N ALA A 259 8.83 -22.40 -10.30
CA ALA A 259 9.34 -23.74 -10.66
C ALA A 259 10.34 -23.64 -11.81
N GLN A 260 10.06 -22.82 -12.82
CA GLN A 260 10.92 -22.70 -14.03
C GLN A 260 11.94 -21.54 -13.88
N ARG A 261 12.02 -20.86 -12.73
CA ARG A 261 13.00 -19.76 -12.48
C ARG A 261 12.89 -18.67 -13.56
N ARG A 262 11.70 -18.09 -13.69
CA ARG A 262 11.44 -17.01 -14.67
C ARG A 262 11.48 -15.64 -14.01
N HIS A 263 11.81 -15.56 -12.72
CA HIS A 263 11.79 -14.28 -11.94
C HIS A 263 13.11 -13.53 -12.02
N ILE A 264 13.04 -12.21 -12.18
CA ILE A 264 14.17 -11.27 -12.03
C ILE A 264 13.81 -10.38 -10.84
N PHE A 265 14.70 -10.29 -9.85
CA PHE A 265 14.52 -9.41 -8.66
C PHE A 265 15.55 -8.29 -8.73
N THR A 266 15.11 -7.07 -9.08
CA THR A 266 16.01 -5.94 -9.34
C THR A 266 16.84 -5.63 -8.10
N SER A 267 18.04 -5.09 -8.29
CA SER A 267 18.80 -4.36 -7.22
C SER A 267 18.00 -3.09 -6.90
N LYS A 268 18.29 -2.46 -5.79
CA LYS A 268 17.64 -1.19 -5.43
C LYS A 268 17.91 -0.13 -6.53
N GLU A 269 19.16 -0.03 -7.00
CA GLU A 269 19.51 0.96 -8.03
C GLU A 269 18.66 0.74 -9.31
N GLN A 270 18.45 -0.53 -9.71
CA GLN A 270 17.69 -0.86 -10.94
C GLN A 270 16.22 -0.51 -10.72
N ALA A 271 15.64 -0.87 -9.57
CA ALA A 271 14.27 -0.48 -9.20
C ALA A 271 14.14 1.07 -9.31
N GLY A 272 15.08 1.81 -8.70
CA GLY A 272 15.11 3.28 -8.78
C GLY A 272 15.12 3.77 -10.23
N ALA A 273 15.99 3.20 -11.03
CA ALA A 273 16.15 3.60 -12.45
C ALA A 273 14.86 3.41 -13.28
N ILE A 274 14.16 2.28 -13.08
CA ILE A 274 12.84 2.06 -13.73
C ILE A 274 11.85 3.09 -13.19
N ALA A 275 11.85 3.30 -11.85
CA ALA A 275 10.88 4.18 -11.18
C ALA A 275 11.03 5.64 -11.68
N PHE A 276 12.26 6.06 -11.99
CA PHE A 276 12.56 7.46 -12.41
C PHE A 276 12.18 7.64 -13.86
N SER A 277 12.31 6.58 -14.65
CA SER A 277 12.05 6.60 -16.12
C SER A 277 12.49 7.93 -16.74
N SER A 278 13.76 8.27 -16.65
CA SER A 278 14.27 9.58 -17.14
C SER A 278 15.33 9.41 -18.23
N VAL A 279 15.75 10.53 -18.80
CA VAL A 279 16.81 10.53 -19.82
C VAL A 279 18.11 10.05 -19.17
N LEU A 280 18.29 10.16 -17.83
CA LEU A 280 19.53 9.71 -17.19
C LEU A 280 19.33 8.30 -16.62
N SER A 281 18.11 7.93 -16.26
CA SER A 281 17.87 6.68 -15.50
C SER A 281 17.66 5.52 -16.46
N TYR A 282 16.96 5.73 -17.59
CA TYR A 282 16.68 4.63 -18.53
C TYR A 282 17.98 4.01 -19.06
N PRO A 283 19.05 4.76 -19.37
CA PRO A 283 20.33 4.12 -19.75
C PRO A 283 20.82 3.07 -18.76
N VAL A 284 20.54 3.31 -17.46
CA VAL A 284 20.93 2.33 -16.42
C VAL A 284 20.17 1.01 -16.68
N VAL A 285 18.88 1.14 -16.93
CA VAL A 285 17.97 0.00 -17.23
C VAL A 285 18.52 -0.70 -18.46
N ALA A 286 18.85 0.05 -19.50
CA ALA A 286 19.30 -0.55 -20.79
C ALA A 286 20.60 -1.32 -20.56
N GLU A 287 21.45 -0.82 -19.64
CA GLU A 287 22.76 -1.46 -19.36
C GLU A 287 22.56 -2.70 -18.47
N GLN A 288 21.78 -2.60 -17.40
CA GLN A 288 21.83 -3.58 -16.29
C GLN A 288 20.71 -4.63 -16.36
N LEU A 289 19.61 -4.37 -17.09
CA LEU A 289 18.49 -5.33 -17.14
C LEU A 289 18.76 -6.43 -18.17
N PRO A 290 19.23 -6.13 -19.42
CA PRO A 290 19.34 -7.15 -20.43
C PRO A 290 20.07 -8.42 -19.99
N PRO A 291 21.23 -8.35 -19.29
CA PRO A 291 21.94 -9.56 -18.92
C PRO A 291 21.11 -10.42 -17.97
N GLN A 292 20.23 -9.79 -17.23
CA GLN A 292 19.32 -10.52 -16.32
C GLN A 292 18.25 -11.24 -17.11
N ILE A 293 17.72 -10.58 -18.12
CA ILE A 293 16.67 -11.16 -19.02
C ILE A 293 17.32 -12.33 -19.75
N SER A 294 18.58 -12.15 -20.17
CA SER A 294 19.31 -13.19 -20.93
CA SER A 294 19.34 -13.19 -20.93
C SER A 294 19.44 -14.46 -20.07
N GLN A 295 19.67 -14.31 -18.78
CA GLN A 295 19.76 -15.49 -17.90
C GLN A 295 18.46 -16.30 -18.02
N ILE A 296 17.32 -15.63 -18.20
CA ILE A 296 16.00 -16.31 -18.18
C ILE A 296 15.60 -16.79 -19.58
N LEU A 297 15.63 -15.94 -20.59
CA LEU A 297 15.18 -16.27 -21.99
C LEU A 297 16.31 -16.90 -22.81
N GLY A 298 17.56 -16.92 -22.34
CA GLY A 298 18.71 -17.16 -23.24
C GLY A 298 19.08 -15.87 -23.98
N ALA A 299 20.33 -15.72 -24.37
CA ALA A 299 20.76 -14.55 -25.16
C ALA A 299 19.87 -14.46 -26.41
N HIS B 8 -10.67 -33.83 31.22
CA HIS B 8 -11.37 -34.05 29.90
C HIS B 8 -10.76 -33.25 28.72
N ALA B 9 -9.85 -33.87 27.97
CA ALA B 9 -9.11 -33.28 26.82
C ALA B 9 -10.08 -32.69 25.79
N VAL B 10 -9.69 -31.54 25.26
CA VAL B 10 -10.48 -30.82 24.23
C VAL B 10 -9.86 -31.14 22.87
N THR B 11 -10.66 -31.41 21.84
CA THR B 11 -10.17 -31.66 20.46
C THR B 11 -10.56 -30.50 19.55
N ILE B 12 -9.61 -29.80 18.96
CA ILE B 12 -9.92 -28.65 18.05
C ILE B 12 -9.66 -29.17 16.65
N THR B 13 -10.65 -29.06 15.76
CA THR B 13 -10.53 -29.35 14.31
C THR B 13 -10.24 -28.04 13.57
N HIS B 14 -9.20 -28.00 12.75
CA HIS B 14 -8.78 -26.78 12.02
C HIS B 14 -8.30 -27.23 10.63
N LEU B 15 -7.75 -26.30 9.85
CA LEU B 15 -7.44 -26.55 8.43
C LEU B 15 -6.47 -27.72 8.30
N PHE B 16 -5.54 -27.89 9.24
CA PHE B 16 -4.41 -28.84 9.09
C PHE B 16 -4.66 -30.14 9.84
N GLY B 17 -5.84 -30.36 10.39
CA GLY B 17 -6.19 -31.62 11.05
C GLY B 17 -6.85 -31.32 12.38
N GLN B 18 -6.36 -31.94 13.44
CA GLN B 18 -6.94 -31.87 14.80
C GLN B 18 -5.81 -31.66 15.80
N THR B 19 -6.10 -30.97 16.88
CA THR B 19 -5.16 -30.69 17.99
C THR B 19 -5.85 -31.07 19.31
N VAL B 20 -5.22 -31.93 20.12
CA VAL B 20 -5.74 -32.32 21.46
C VAL B 20 -5.10 -31.41 22.54
N ILE B 21 -5.89 -30.71 23.33
CA ILE B 21 -5.40 -29.97 24.52
C ILE B 21 -5.82 -30.71 25.80
N LYS B 22 -4.87 -31.31 26.50
CA LYS B 22 -5.11 -32.27 27.62
C LYS B 22 -5.66 -31.56 28.87
N GLU B 23 -5.28 -30.29 29.12
CA GLU B 23 -5.71 -29.59 30.35
C GLU B 23 -5.67 -28.09 30.10
N PRO B 24 -6.30 -27.26 30.96
CA PRO B 24 -6.21 -25.80 30.81
C PRO B 24 -4.74 -25.43 30.66
N PRO B 25 -4.37 -24.69 29.59
CA PRO B 25 -2.97 -24.41 29.29
C PRO B 25 -2.38 -23.30 30.19
N LYS B 26 -1.11 -23.42 30.53
CA LYS B 26 -0.40 -22.49 31.49
C LYS B 26 0.67 -21.67 30.79
N ARG B 27 1.14 -22.06 29.61
CA ARG B 27 2.20 -21.31 28.87
C ARG B 27 1.76 -21.16 27.40
N VAL B 28 0.98 -20.16 27.09
CA VAL B 28 0.39 -20.02 25.74
C VAL B 28 1.22 -19.02 24.97
N VAL B 29 1.56 -19.39 23.74
CA VAL B 29 2.09 -18.45 22.72
C VAL B 29 0.95 -17.95 21.81
N SER B 30 0.82 -16.64 21.69
CA SER B 30 -0.08 -16.03 20.71
C SER B 30 0.77 -15.68 19.51
N ALA B 31 0.67 -16.48 18.45
CA ALA B 31 1.55 -16.45 17.26
C ALA B 31 1.01 -15.53 16.18
N GLY B 32 -0.26 -15.12 16.25
CA GLY B 32 -0.89 -14.31 15.19
C GLY B 32 -1.08 -12.85 15.59
N TYR B 33 -1.72 -12.06 14.74
CA TYR B 33 -1.76 -10.58 14.89
C TYR B 33 -2.75 -10.15 15.97
N THR B 34 -3.76 -10.94 16.33
CA THR B 34 -4.84 -10.40 17.19
C THR B 34 -5.24 -11.34 18.34
N GLU B 35 -4.73 -12.58 18.42
CA GLU B 35 -5.34 -13.57 19.35
C GLU B 35 -5.12 -13.15 20.80
N GLN B 36 -4.22 -12.22 21.09
CA GLN B 36 -3.97 -11.88 22.52
C GLN B 36 -5.27 -11.33 23.13
N ASP B 37 -6.10 -10.60 22.38
CA ASP B 37 -7.33 -9.98 22.97
C ASP B 37 -8.26 -11.07 23.46
N ASP B 38 -8.48 -12.09 22.67
CA ASP B 38 -9.48 -13.12 23.01
C ASP B 38 -8.94 -13.98 24.15
N LEU B 39 -7.63 -14.24 24.14
CA LEU B 39 -6.95 -14.99 25.25
C LEU B 39 -7.07 -14.22 26.59
N LEU B 40 -6.68 -12.95 26.56
CA LEU B 40 -6.68 -12.08 27.76
C LEU B 40 -8.11 -11.95 28.30
N ALA B 41 -9.10 -11.96 27.42
CA ALA B 41 -10.51 -11.76 27.81
C ALA B 41 -10.92 -12.89 28.75
N VAL B 42 -10.38 -14.10 28.59
CA VAL B 42 -10.73 -15.28 29.45
C VAL B 42 -9.56 -15.62 30.38
N ASP B 43 -8.72 -14.59 30.70
CA ASP B 43 -7.70 -14.61 31.78
C ASP B 43 -6.63 -15.64 31.42
N VAL B 44 -6.32 -15.77 30.14
CA VAL B 44 -5.14 -16.57 29.72
C VAL B 44 -4.13 -15.50 29.29
N VAL B 45 -3.12 -15.33 30.13
CA VAL B 45 -2.08 -14.30 29.92
C VAL B 45 -0.97 -14.97 29.13
N PRO B 46 -0.79 -14.62 27.85
CA PRO B 46 0.20 -15.33 27.03
C PRO B 46 1.63 -15.05 27.49
N ILE B 47 2.53 -16.02 27.35
CA ILE B 47 3.98 -15.86 27.59
C ILE B 47 4.64 -15.18 26.37
N ALA B 48 3.92 -15.09 25.25
CA ALA B 48 4.37 -14.38 24.02
C ALA B 48 3.17 -13.87 23.24
N VAL B 49 3.28 -12.63 22.75
CA VAL B 49 2.30 -11.89 21.92
CA VAL B 49 2.28 -12.01 21.85
C VAL B 49 3.01 -11.49 20.62
N THR B 50 2.31 -11.41 19.51
CA THR B 50 2.96 -11.09 18.22
C THR B 50 2.53 -9.67 17.83
N ASP B 51 3.50 -8.82 17.58
CA ASP B 51 3.22 -7.41 17.22
C ASP B 51 2.58 -7.34 15.86
N TRP B 52 1.73 -6.36 15.65
CA TRP B 52 1.03 -6.11 14.37
C TRP B 52 1.36 -4.65 13.94
N PHE B 53 0.87 -3.66 14.64
CA PHE B 53 1.18 -2.26 14.36
C PHE B 53 0.84 -1.42 15.59
N GLY B 54 1.16 -0.13 15.52
CA GLY B 54 0.82 0.87 16.55
C GLY B 54 1.88 1.07 17.65
N ASP B 55 2.96 0.26 17.73
CA ASP B 55 4.05 0.39 18.74
C ASP B 55 3.49 0.46 20.17
N GLN B 56 2.62 -0.48 20.49
CA GLN B 56 2.09 -0.62 21.84
C GLN B 56 3.06 -1.47 22.64
N PRO B 57 3.22 -1.16 23.95
CA PRO B 57 3.96 -1.99 24.89
C PRO B 57 3.42 -3.41 24.99
N PHE B 58 4.33 -4.37 24.89
CA PHE B 58 4.06 -5.81 24.81
C PHE B 58 3.07 -6.15 23.69
N ALA B 59 2.93 -5.28 22.69
CA ALA B 59 2.02 -5.47 21.55
C ALA B 59 0.56 -5.60 22.03
N VAL B 60 0.24 -5.07 23.20
CA VAL B 60 -1.12 -5.07 23.78
C VAL B 60 -1.67 -3.65 23.78
N TRP B 61 -2.79 -3.47 23.06
CA TRP B 61 -3.45 -2.15 22.94
C TRP B 61 -4.21 -1.78 24.22
N PRO B 62 -4.58 -0.50 24.38
CA PRO B 62 -5.15 -0.01 25.64
C PRO B 62 -6.34 -0.79 26.20
N TRP B 63 -7.24 -1.27 25.36
CA TRP B 63 -8.47 -1.98 25.77
C TRP B 63 -8.10 -3.37 26.32
N ALA B 64 -6.92 -3.89 26.06
CA ALA B 64 -6.53 -5.21 26.60
C ALA B 64 -5.48 -5.06 27.73
N ALA B 65 -4.91 -3.87 27.86
CA ALA B 65 -3.80 -3.66 28.80
C ALA B 65 -4.26 -3.98 30.22
N PRO B 66 -5.49 -3.70 30.69
CA PRO B 66 -5.86 -4.06 32.07
C PRO B 66 -5.83 -5.59 32.30
N LYS B 67 -6.22 -6.40 31.32
CA LYS B 67 -6.21 -7.87 31.50
C LYS B 67 -4.77 -8.36 31.51
N LEU B 68 -3.86 -7.65 30.85
CA LEU B 68 -2.44 -8.09 30.81
C LEU B 68 -1.90 -7.91 32.23
N GLY B 69 -2.37 -6.88 32.89
CA GLY B 69 -1.85 -6.56 34.24
C GLY B 69 -0.37 -6.30 34.12
N GLY B 70 0.41 -6.87 35.04
CA GLY B 70 1.84 -6.61 35.13
C GLY B 70 2.65 -7.56 34.25
N ALA B 71 2.03 -8.44 33.43
CA ALA B 71 2.79 -9.47 32.68
C ALA B 71 3.68 -8.77 31.62
N ARG B 72 4.84 -9.40 31.34
CA ARG B 72 5.84 -8.93 30.35
C ARG B 72 6.10 -10.03 29.33
N PRO B 73 5.13 -10.35 28.46
CA PRO B 73 5.37 -11.38 27.47
C PRO B 73 6.49 -11.01 26.48
N ALA B 74 7.16 -12.03 25.97
CA ALA B 74 8.02 -11.89 24.78
C ALA B 74 7.13 -11.36 23.62
N VAL B 75 7.69 -10.47 22.80
CA VAL B 75 6.99 -9.90 21.63
C VAL B 75 7.67 -10.48 20.38
N LEU B 76 6.89 -11.27 19.65
CA LEU B 76 7.29 -11.94 18.41
C LEU B 76 6.92 -10.99 17.26
N ASN B 77 7.44 -11.27 16.06
CA ASN B 77 7.02 -10.53 14.85
C ASN B 77 6.92 -11.51 13.68
N LEU B 78 6.15 -11.12 12.67
CA LEU B 78 5.98 -11.87 11.42
C LEU B 78 6.68 -11.13 10.28
N ASP B 79 7.67 -10.26 10.56
CA ASP B 79 8.44 -9.53 9.52
C ASP B 79 9.04 -10.50 8.49
N ASN B 80 9.59 -11.65 8.94
CA ASN B 80 10.15 -12.72 8.07
C ASN B 80 9.50 -14.04 8.43
N GLY B 81 8.19 -14.05 8.60
CA GLY B 81 7.43 -15.26 8.93
C GLY B 81 7.52 -15.62 10.41
N ILE B 82 6.95 -16.75 10.74
CA ILE B 82 6.84 -17.22 12.15
C ILE B 82 8.24 -17.54 12.69
N GLN B 83 8.54 -17.02 13.88
CA GLN B 83 9.84 -17.16 14.58
C GLN B 83 9.82 -18.48 15.32
N ILE B 84 9.87 -19.53 14.51
CA ILE B 84 9.69 -20.93 14.98
C ILE B 84 10.67 -21.19 16.12
N ASP B 85 11.95 -20.82 15.96
CA ASP B 85 13.01 -21.08 16.97
C ASP B 85 12.74 -20.28 18.25
N ARG B 86 12.36 -19.00 18.18
CA ARG B 86 12.02 -18.25 19.43
C ARG B 86 10.88 -18.97 20.15
N ILE B 87 9.84 -19.39 19.43
CA ILE B 87 8.69 -20.13 20.02
C ILE B 87 9.24 -21.42 20.68
N ALA B 88 10.13 -22.16 20.05
CA ALA B 88 10.65 -23.43 20.63
C ALA B 88 11.27 -23.11 21.99
N ALA B 89 12.03 -22.03 22.05
CA ALA B 89 12.80 -21.66 23.26
C ALA B 89 11.87 -21.22 24.40
N LEU B 90 10.66 -20.73 24.10
CA LEU B 90 9.64 -20.32 25.11
C LEU B 90 8.93 -21.54 25.74
N LYS B 91 9.10 -22.77 25.21
CA LYS B 91 8.54 -24.01 25.83
C LYS B 91 7.06 -23.83 26.19
N PRO B 92 6.24 -23.55 25.17
CA PRO B 92 4.81 -23.38 25.41
C PRO B 92 4.15 -24.74 25.62
N ASP B 93 2.95 -24.76 26.19
CA ASP B 93 2.10 -25.97 26.25
C ASP B 93 0.96 -25.75 25.25
N LEU B 94 0.81 -24.55 24.69
CA LEU B 94 -0.17 -24.30 23.61
C LEU B 94 0.27 -23.13 22.72
N ILE B 95 0.15 -23.30 21.41
CA ILE B 95 0.47 -22.27 20.41
C ILE B 95 -0.84 -21.94 19.71
N VAL B 96 -1.27 -20.69 19.81
CA VAL B 96 -2.46 -20.20 19.09
C VAL B 96 -1.97 -19.46 17.84
N ALA B 97 -2.20 -20.06 16.67
CA ALA B 97 -1.73 -19.52 15.38
C ALA B 97 -2.87 -19.46 14.37
N ILE B 98 -3.91 -18.73 14.71
CA ILE B 98 -5.14 -18.64 13.87
C ILE B 98 -4.92 -17.52 12.86
N ASN B 99 -4.29 -16.42 13.28
CA ASN B 99 -4.16 -15.20 12.45
C ASN B 99 -2.67 -14.91 12.19
N ALA B 100 -1.97 -15.91 11.66
CA ALA B 100 -0.49 -15.95 11.60
C ALA B 100 0.04 -16.41 10.23
N GLY B 101 -0.84 -16.64 9.24
CA GLY B 101 -0.44 -17.12 7.90
C GLY B 101 0.12 -18.55 7.95
N VAL B 102 -0.37 -19.40 8.86
CA VAL B 102 0.08 -20.80 8.95
C VAL B 102 -0.18 -21.50 7.60
N ASP B 103 0.75 -22.37 7.20
CA ASP B 103 0.66 -23.33 6.04
C ASP B 103 1.02 -24.72 6.57
N ALA B 104 0.88 -25.76 5.73
CA ALA B 104 1.05 -27.16 6.15
C ALA B 104 2.39 -27.29 6.85
N ASP B 105 3.38 -26.58 6.33
CA ASP B 105 4.81 -26.73 6.72
C ASP B 105 5.00 -26.12 8.11
N THR B 106 4.75 -24.82 8.25
CA THR B 106 4.91 -24.13 9.55
C THR B 106 4.01 -24.85 10.55
N TYR B 107 2.82 -25.35 10.16
CA TYR B 107 1.93 -26.06 11.12
C TYR B 107 2.67 -27.28 11.68
N GLN B 108 3.44 -28.04 10.88
CA GLN B 108 4.17 -29.21 11.43
C GLN B 108 5.26 -28.75 12.37
N GLN B 109 5.96 -27.68 12.01
CA GLN B 109 7.08 -27.13 12.82
C GLN B 109 6.55 -26.68 14.19
N LEU B 110 5.43 -25.96 14.18
CA LEU B 110 4.73 -25.50 15.40
C LEU B 110 4.28 -26.71 16.20
N SER B 111 3.62 -27.71 15.60
CA SER B 111 3.04 -28.87 16.33
C SER B 111 4.17 -29.71 16.94
N ALA B 112 5.35 -29.71 16.33
CA ALA B 112 6.56 -30.39 16.86
C ALA B 112 6.97 -29.75 18.20
N ILE B 113 6.68 -28.48 18.41
CA ILE B 113 7.02 -27.73 19.66
C ILE B 113 5.93 -27.97 20.71
N ALA B 114 4.67 -27.85 20.35
CA ALA B 114 3.49 -27.89 21.25
C ALA B 114 2.19 -28.06 20.47
N PRO B 115 1.10 -28.56 21.11
CA PRO B 115 -0.25 -28.50 20.53
C PRO B 115 -0.50 -27.11 19.93
N THR B 116 -0.89 -27.07 18.65
CA THR B 116 -1.06 -25.81 17.87
C THR B 116 -2.47 -25.69 17.27
N VAL B 117 -3.16 -24.60 17.59
CA VAL B 117 -4.48 -24.23 17.03
C VAL B 117 -4.26 -23.33 15.82
N ALA B 118 -4.54 -23.87 14.64
CA ALA B 118 -4.48 -23.14 13.35
C ALA B 118 -5.86 -22.59 12.97
N GLN B 119 -5.91 -21.83 11.88
CA GLN B 119 -7.15 -21.31 11.25
C GLN B 119 -8.04 -22.47 10.81
N SER B 120 -9.32 -22.20 10.64
CA SER B 120 -10.35 -23.24 10.37
C SER B 120 -10.48 -23.47 8.86
N GLY B 121 -10.08 -22.52 8.02
CA GLY B 121 -10.37 -22.59 6.56
C GLY B 121 -9.41 -21.76 5.74
N GLY B 122 -9.90 -21.19 4.64
CA GLY B 122 -9.09 -20.65 3.54
C GLY B 122 -8.53 -19.26 3.87
N ASP B 123 -8.94 -18.66 4.98
CA ASP B 123 -8.29 -17.43 5.49
C ASP B 123 -7.15 -17.81 6.47
N ALA B 124 -5.91 -17.69 6.03
CA ALA B 124 -4.70 -17.91 6.85
C ALA B 124 -4.52 -16.72 7.78
N PHE B 125 -5.07 -15.56 7.39
CA PHE B 125 -5.16 -14.33 8.22
C PHE B 125 -6.59 -13.83 8.19
N PHE B 126 -7.02 -13.23 9.31
CA PHE B 126 -8.28 -12.50 9.49
C PHE B 126 -9.46 -13.35 9.04
N GLU B 127 -9.57 -14.55 9.58
CA GLU B 127 -10.87 -15.26 9.55
C GLU B 127 -11.90 -14.46 10.36
N PRO B 128 -13.20 -14.74 10.15
CA PRO B 128 -14.26 -14.08 10.90
C PRO B 128 -13.99 -14.06 12.42
N TRP B 129 -14.10 -12.89 13.04
CA TRP B 129 -13.64 -12.73 14.44
C TRP B 129 -14.33 -13.72 15.39
N LYS B 130 -15.59 -14.04 15.19
CA LYS B 130 -16.31 -14.90 16.16
C LYS B 130 -15.81 -16.33 16.00
N ASP B 131 -15.39 -16.71 14.82
CA ASP B 131 -14.82 -18.07 14.60
C ASP B 131 -13.52 -18.20 15.39
N GLN B 132 -12.69 -17.15 15.34
CA GLN B 132 -11.42 -17.11 16.07
C GLN B 132 -11.75 -17.13 17.56
N ALA B 133 -12.68 -16.28 18.00
CA ALA B 133 -12.96 -16.16 19.46
C ALA B 133 -13.48 -17.52 19.97
N ARG B 134 -14.33 -18.21 19.24
CA ARG B 134 -14.95 -19.49 19.71
C ARG B 134 -13.85 -20.53 19.80
N SER B 135 -13.00 -20.62 18.79
CA SER B 135 -11.88 -21.62 18.75
C SER B 135 -10.96 -21.37 19.97
N ILE B 136 -10.55 -20.12 20.20
CA ILE B 136 -9.69 -19.78 21.34
C ILE B 136 -10.39 -20.18 22.65
N GLY B 137 -11.66 -19.80 22.78
CA GLY B 137 -12.48 -20.12 23.96
C GLY B 137 -12.50 -21.63 24.21
N GLN B 138 -12.66 -22.42 23.18
CA GLN B 138 -12.71 -23.91 23.36
C GLN B 138 -11.30 -24.40 23.76
N ALA B 139 -10.27 -23.90 23.10
CA ALA B 139 -8.89 -24.41 23.27
C ALA B 139 -8.36 -24.12 24.69
N VAL B 140 -8.83 -23.07 25.34
CA VAL B 140 -8.33 -22.74 26.71
C VAL B 140 -9.39 -23.02 27.78
N PHE B 141 -10.35 -23.93 27.50
CA PHE B 141 -11.38 -24.44 28.43
C PHE B 141 -12.20 -23.28 29.02
N ALA B 142 -12.59 -22.30 28.23
CA ALA B 142 -13.44 -21.18 28.67
C ALA B 142 -14.55 -20.93 27.63
N ALA B 143 -15.13 -22.01 27.06
CA ALA B 143 -16.07 -21.87 25.94
C ALA B 143 -17.31 -21.10 26.42
N ASP B 144 -17.83 -21.45 27.60
CA ASP B 144 -19.06 -20.84 28.16
C ASP B 144 -18.81 -19.35 28.42
N ARG B 145 -17.68 -18.99 29.03
CA ARG B 145 -17.39 -17.56 29.33
C ARG B 145 -17.20 -16.83 27.99
N MET B 146 -16.50 -17.43 27.04
CA MET B 146 -16.28 -16.79 25.73
C MET B 146 -17.66 -16.58 25.08
N ARG B 147 -18.57 -17.55 25.23
CA ARG B 147 -19.93 -17.40 24.64
C ARG B 147 -20.61 -16.17 25.24
N SER B 148 -20.58 -16.01 26.57
CA SER B 148 -21.30 -14.87 27.21
C SER B 148 -20.60 -13.55 26.85
N LEU B 149 -19.28 -13.52 26.62
CA LEU B 149 -18.56 -12.27 26.24
C LEU B 149 -18.96 -11.89 24.83
N ILE B 150 -19.03 -12.84 23.91
CA ILE B 150 -19.52 -12.58 22.51
C ILE B 150 -20.96 -12.04 22.60
N GLU B 151 -21.82 -12.70 23.35
CA GLU B 151 -23.24 -12.27 23.48
C GLU B 151 -23.29 -10.81 24.00
N ALA B 152 -22.47 -10.46 24.98
CA ALA B 152 -22.47 -9.09 25.58
C ALA B 152 -21.97 -8.07 24.55
N VAL B 153 -21.07 -8.47 23.66
CA VAL B 153 -20.61 -7.55 22.57
C VAL B 153 -21.80 -7.32 21.63
N ASP B 154 -22.42 -8.40 21.16
CA ASP B 154 -23.64 -8.31 20.31
C ASP B 154 -24.68 -7.41 21.00
N GLN B 155 -24.91 -7.60 22.30
CA GLN B 155 -25.96 -6.82 23.02
C GLN B 155 -25.58 -5.32 23.01
N LYS B 156 -24.31 -4.97 23.10
CA LYS B 156 -23.89 -3.54 23.15
C LYS B 156 -24.25 -2.89 21.81
N PHE B 157 -23.98 -3.56 20.71
CA PHE B 157 -24.36 -3.07 19.36
C PHE B 157 -25.88 -3.04 19.18
N ALA B 158 -26.60 -4.05 19.67
CA ALA B 158 -28.09 -4.05 19.61
C ALA B 158 -28.61 -2.78 20.31
N ALA B 159 -28.06 -2.46 21.50
CA ALA B 159 -28.52 -1.31 22.31
C ALA B 159 -28.31 0.00 21.52
N VAL B 160 -27.25 0.09 20.73
CA VAL B 160 -27.04 1.27 19.86
C VAL B 160 -28.20 1.38 18.89
N ALA B 161 -28.57 0.26 18.28
CA ALA B 161 -29.60 0.30 17.23
C ALA B 161 -30.94 0.72 17.89
N GLN B 162 -31.22 0.19 19.08
CA GLN B 162 -32.47 0.42 19.84
C GLN B 162 -32.62 1.92 20.15
N ARG B 163 -31.57 2.62 20.50
CA ARG B 163 -31.66 4.07 20.83
C ARG B 163 -31.40 4.95 19.59
N HIS B 164 -31.19 4.37 18.40
CA HIS B 164 -31.06 5.14 17.13
C HIS B 164 -31.88 4.47 16.02
N PRO B 165 -33.22 4.36 16.18
CA PRO B 165 -34.06 3.76 15.16
C PRO B 165 -33.99 4.57 13.86
N ARG B 166 -33.69 5.88 13.91
CA ARG B 166 -33.66 6.73 12.68
C ARG B 166 -32.41 6.40 11.82
N TRP B 167 -31.45 5.63 12.34
CA TRP B 167 -30.29 5.21 11.52
C TRP B 167 -30.68 4.11 10.50
N ARG B 168 -31.87 3.52 10.62
CA ARG B 168 -32.21 2.31 9.86
C ARG B 168 -32.10 2.65 8.36
N GLY B 169 -31.29 1.93 7.61
CA GLY B 169 -31.21 2.14 6.16
C GLY B 169 -30.25 3.27 5.77
N LYS B 170 -29.66 3.98 6.73
CA LYS B 170 -28.65 5.00 6.39
C LYS B 170 -27.39 4.28 5.87
N LYS B 171 -26.76 4.88 4.89
CA LYS B 171 -25.65 4.22 4.15
C LYS B 171 -24.32 4.67 4.72
N ALA B 172 -23.50 3.69 5.07
CA ALA B 172 -22.14 3.88 5.59
C ALA B 172 -21.09 3.32 4.63
N LEU B 173 -19.89 3.89 4.69
CA LEU B 173 -18.66 3.28 4.17
C LEU B 173 -17.62 3.28 5.28
N LEU B 174 -16.82 2.22 5.30
CA LEU B 174 -15.65 2.05 6.19
C LEU B 174 -14.43 2.04 5.28
N LEU B 175 -13.59 3.08 5.40
CA LEU B 175 -12.43 3.33 4.52
C LEU B 175 -11.13 3.17 5.33
N GLN B 176 -10.04 2.79 4.66
CA GLN B 176 -8.69 2.84 5.24
C GLN B 176 -8.26 4.31 5.38
N GLY B 177 -7.46 4.60 6.41
CA GLY B 177 -7.09 5.96 6.85
C GLY B 177 -6.11 6.64 5.93
N ARG B 178 -5.60 5.94 4.91
CA ARG B 178 -4.66 6.47 3.90
C ARG B 178 -5.09 6.03 2.49
N LEU B 179 -4.90 6.92 1.51
CA LEU B 179 -4.94 6.55 0.08
C LEU B 179 -3.82 5.54 -0.14
N TRP B 180 -4.02 4.62 -1.08
CA TRP B 180 -2.97 3.70 -1.59
C TRP B 180 -2.74 4.00 -3.07
N GLN B 181 -1.56 4.57 -3.33
CA GLN B 181 -1.11 4.99 -4.68
C GLN B 181 -2.22 5.84 -5.29
N GLY B 182 -2.85 6.74 -4.49
CA GLY B 182 -3.88 7.67 -5.02
C GLY B 182 -5.33 7.19 -4.92
N ASN B 183 -5.57 5.95 -4.47
CA ASN B 183 -6.90 5.31 -4.47
C ASN B 183 -7.45 5.29 -3.05
N VAL B 184 -8.76 5.54 -2.93
CA VAL B 184 -9.47 5.24 -1.66
C VAL B 184 -9.60 3.72 -1.55
N VAL B 185 -9.40 3.16 -0.39
CA VAL B 185 -9.53 1.68 -0.14
C VAL B 185 -10.63 1.49 0.88
N ALA B 186 -11.73 0.86 0.47
CA ALA B 186 -12.91 0.62 1.32
C ALA B 186 -12.82 -0.82 1.83
N THR B 187 -13.33 -1.04 3.02
CA THR B 187 -13.71 -2.39 3.51
C THR B 187 -14.96 -2.85 2.74
N LEU B 188 -14.87 -3.95 2.01
CA LEU B 188 -16.02 -4.56 1.33
C LEU B 188 -17.00 -5.09 2.37
N ALA B 189 -18.27 -5.14 1.95
CA ALA B 189 -19.30 -5.67 2.83
C ALA B 189 -18.90 -7.11 3.13
N GLY B 190 -18.95 -7.51 4.39
CA GLY B 190 -18.63 -8.87 4.81
C GLY B 190 -18.56 -8.87 6.33
N TRP B 191 -17.92 -9.85 6.93
CA TRP B 191 -17.97 -9.93 8.42
C TRP B 191 -17.43 -8.64 9.02
N ARG B 192 -16.42 -8.00 8.39
CA ARG B 192 -15.79 -6.83 9.04
C ARG B 192 -16.76 -5.65 9.13
N THR B 193 -17.85 -5.63 8.35
CA THR B 193 -18.87 -4.54 8.37
C THR B 193 -20.16 -4.95 9.08
N ASP B 194 -20.26 -6.18 9.59
CA ASP B 194 -21.43 -6.66 10.35
C ASP B 194 -21.68 -5.70 11.54
N PHE B 195 -20.66 -5.13 12.18
CA PHE B 195 -20.88 -4.28 13.38
C PHE B 195 -21.68 -3.03 12.97
N LEU B 196 -21.50 -2.53 11.75
CA LEU B 196 -22.27 -1.37 11.20
C LEU B 196 -23.73 -1.79 10.95
N ASN B 197 -23.95 -2.94 10.37
CA ASN B 197 -25.29 -3.49 10.11
C ASN B 197 -26.00 -3.68 11.46
N ASP B 198 -25.25 -4.06 12.49
CA ASP B 198 -25.80 -4.34 13.84
C ASP B 198 -26.37 -3.06 14.44
N MET B 199 -25.91 -1.89 14.00
CA MET B 199 -26.45 -0.59 14.47
C MET B 199 -27.64 -0.11 13.59
N GLY B 200 -27.96 -0.88 12.54
CA GLY B 200 -29.04 -0.65 11.54
C GLY B 200 -28.59 0.08 10.28
N LEU B 201 -27.29 0.31 10.12
CA LEU B 201 -26.75 0.92 8.90
C LEU B 201 -26.64 -0.15 7.80
N VAL B 202 -26.55 0.31 6.57
CA VAL B 202 -26.20 -0.59 5.43
C VAL B 202 -24.93 -0.05 4.80
N ILE B 203 -24.19 -0.93 4.14
CA ILE B 203 -23.00 -0.54 3.39
C ILE B 203 -23.40 -0.07 1.99
N ALA B 204 -23.02 1.15 1.63
CA ALA B 204 -23.41 1.69 0.31
C ALA B 204 -22.87 0.73 -0.76
N ASP B 205 -23.63 0.47 -1.83
CA ASP B 205 -23.21 -0.51 -2.87
C ASP B 205 -22.26 0.10 -3.92
N SER B 206 -21.90 1.39 -3.79
CA SER B 206 -21.05 2.12 -4.77
C SER B 206 -19.64 1.48 -4.83
N ILE B 207 -19.21 0.76 -3.81
CA ILE B 207 -17.84 0.15 -3.80
C ILE B 207 -17.85 -1.22 -4.48
N LYS B 208 -19.02 -1.83 -4.68
CA LYS B 208 -19.07 -3.25 -5.14
C LYS B 208 -18.33 -3.49 -6.46
N PRO B 209 -18.42 -2.62 -7.49
CA PRO B 209 -17.73 -2.84 -8.76
C PRO B 209 -16.22 -2.79 -8.60
N PHE B 210 -15.68 -2.39 -7.45
CA PHE B 210 -14.23 -2.11 -7.31
C PHE B 210 -13.56 -3.14 -6.41
N ALA B 211 -14.16 -4.32 -6.28
CA ALA B 211 -13.69 -5.35 -5.36
C ALA B 211 -12.29 -5.79 -5.78
N VAL B 212 -11.41 -5.94 -4.82
CA VAL B 212 -10.18 -6.75 -4.92
C VAL B 212 -10.13 -7.59 -3.65
N ASP B 213 -10.41 -8.89 -3.71
CA ASP B 213 -10.43 -9.73 -2.49
C ASP B 213 -11.39 -9.08 -1.49
N GLN B 214 -10.99 -8.74 -0.27
CA GLN B 214 -11.95 -8.19 0.73
C GLN B 214 -11.87 -6.65 0.79
N ARG B 215 -11.38 -5.96 -0.23
CA ARG B 215 -11.42 -4.48 -0.23
C ARG B 215 -11.91 -3.92 -1.56
N GLY B 216 -12.27 -2.67 -1.55
CA GLY B 216 -12.72 -1.99 -2.73
C GLY B 216 -11.68 -0.94 -3.02
N VAL B 217 -11.06 -1.03 -4.17
CA VAL B 217 -9.98 -0.08 -4.51
C VAL B 217 -10.51 0.87 -5.58
N ILE B 218 -10.74 2.10 -5.17
CA ILE B 218 -11.58 3.09 -5.90
C ILE B 218 -10.68 3.87 -6.83
N PRO B 219 -10.87 3.70 -8.15
CA PRO B 219 -10.14 4.51 -9.13
C PRO B 219 -10.35 6.00 -8.87
N ARG B 220 -9.33 6.83 -9.10
CA ARG B 220 -9.42 8.28 -8.79
C ARG B 220 -10.66 8.91 -9.45
N ASP B 221 -10.98 8.57 -10.70
CA ASP B 221 -12.11 9.17 -11.44
C ASP B 221 -13.46 8.76 -10.87
N HIS B 222 -13.51 7.74 -9.99
CA HIS B 222 -14.72 7.31 -9.29
C HIS B 222 -14.78 7.74 -7.83
N ILE B 223 -13.76 8.38 -7.26
CA ILE B 223 -13.76 8.63 -5.78
C ILE B 223 -14.99 9.47 -5.37
N LYS B 224 -15.27 10.56 -6.07
CA LYS B 224 -16.37 11.48 -5.65
C LYS B 224 -17.71 10.78 -5.71
N ALA B 225 -18.01 10.10 -6.80
CA ALA B 225 -19.27 9.39 -7.01
C ALA B 225 -19.41 8.29 -5.95
N VAL B 226 -18.33 7.58 -5.67
CA VAL B 226 -18.44 6.44 -4.70
C VAL B 226 -18.70 6.96 -3.30
N LEU B 227 -17.95 7.97 -2.84
CA LEU B 227 -18.11 8.57 -1.46
C LEU B 227 -19.50 9.24 -1.33
N ASP B 228 -20.01 9.85 -2.39
CA ASP B 228 -21.27 10.65 -2.32
C ASP B 228 -22.50 9.75 -2.34
N ALA B 229 -22.33 8.44 -2.52
CA ALA B 229 -23.39 7.44 -2.33
C ALA B 229 -23.73 7.25 -0.84
N ALA B 230 -22.84 7.62 0.08
CA ALA B 230 -22.95 7.28 1.52
C ALA B 230 -23.56 8.46 2.28
N ASP B 231 -24.22 8.19 3.40
CA ASP B 231 -24.70 9.18 4.37
C ASP B 231 -23.60 9.47 5.39
N VAL B 232 -22.71 8.52 5.63
CA VAL B 232 -21.68 8.67 6.69
C VAL B 232 -20.48 7.87 6.26
N LEU B 233 -19.32 8.49 6.36
CA LEU B 233 -18.03 7.90 5.90
CA LEU B 233 -18.06 7.85 5.91
C LEU B 233 -17.13 7.74 7.12
N ILE B 234 -16.70 6.54 7.44
CA ILE B 234 -15.80 6.32 8.59
C ILE B 234 -14.41 5.99 8.05
N TRP B 235 -13.50 6.95 8.19
CA TRP B 235 -12.08 6.79 7.76
C TRP B 235 -11.25 6.31 8.94
N MET B 236 -10.53 5.21 8.77
CA MET B 236 -9.75 4.61 9.88
C MET B 236 -8.37 5.31 10.01
N THR B 237 -8.41 6.62 10.20
CA THR B 237 -7.22 7.47 10.39
C THR B 237 -6.56 7.07 11.71
N GLU B 238 -5.26 7.33 11.81
CA GLU B 238 -4.49 7.14 13.07
C GLU B 238 -3.89 8.44 13.57
N SER B 239 -4.13 9.57 12.91
CA SER B 239 -3.55 10.85 13.36
C SER B 239 -4.26 11.99 12.66
N PRO B 240 -4.17 13.22 13.22
CA PRO B 240 -4.68 14.40 12.55
C PRO B 240 -4.07 14.57 11.15
N GLU B 241 -2.80 14.17 11.00
CA GLU B 241 -2.06 14.32 9.71
C GLU B 241 -2.73 13.42 8.67
N ASP B 242 -3.18 12.21 9.05
CA ASP B 242 -3.95 11.33 8.14
C ASP B 242 -5.18 12.06 7.62
N GLU B 243 -5.89 12.68 8.52
CA GLU B 243 -7.17 13.37 8.21
C GLU B 243 -6.87 14.51 7.23
N LYS B 244 -5.82 15.28 7.50
CA LYS B 244 -5.48 16.46 6.66
C LYS B 244 -5.15 15.99 5.23
N ALA B 245 -4.41 14.89 5.09
CA ALA B 245 -4.02 14.32 3.78
C ALA B 245 -5.27 13.91 3.00
N LEU B 246 -6.25 13.31 3.66
CA LEU B 246 -7.52 12.92 3.01
C LEU B 246 -8.25 14.16 2.55
N LEU B 247 -8.36 15.17 3.41
CA LEU B 247 -9.15 16.39 3.07
C LEU B 247 -8.44 17.24 2.01
N ALA B 248 -7.13 17.14 1.85
CA ALA B 248 -6.36 17.84 0.78
C ALA B 248 -6.49 17.11 -0.58
N ASP B 249 -6.93 15.84 -0.61
CA ASP B 249 -7.08 15.12 -1.90
C ASP B 249 -8.09 15.87 -2.76
N PRO B 250 -7.78 16.27 -4.00
CA PRO B 250 -8.73 17.06 -4.78
C PRO B 250 -10.08 16.38 -5.01
N GLU B 251 -10.15 15.04 -5.10
CA GLU B 251 -11.47 14.35 -5.32
C GLU B 251 -12.28 14.31 -4.01
N ILE B 252 -11.65 13.98 -2.90
CA ILE B 252 -12.32 14.02 -1.58
C ILE B 252 -12.78 15.45 -1.27
N ALA B 253 -11.90 16.45 -1.48
CA ALA B 253 -12.19 17.88 -1.19
C ALA B 253 -13.44 18.32 -1.93
N ALA B 254 -13.64 17.87 -3.17
CA ALA B 254 -14.73 18.36 -4.02
C ALA B 254 -16.03 17.56 -3.76
N SER B 255 -15.98 16.54 -2.92
CA SER B 255 -17.14 15.62 -2.75
C SER B 255 -18.19 16.28 -1.84
N GLN B 256 -19.45 15.89 -2.01
CA GLN B 256 -20.55 16.36 -1.15
C GLN B 256 -20.30 15.89 0.27
N ALA B 257 -19.64 14.75 0.46
CA ALA B 257 -19.31 14.27 1.81
C ALA B 257 -18.51 15.35 2.53
N THR B 258 -17.62 16.09 1.84
CA THR B 258 -16.83 17.14 2.50
C THR B 258 -17.71 18.38 2.70
N ALA B 259 -18.42 18.84 1.67
CA ALA B 259 -19.29 20.03 1.78
C ALA B 259 -20.32 19.87 2.92
N GLN B 260 -20.94 18.70 3.05
CA GLN B 260 -22.02 18.42 4.04
C GLN B 260 -21.46 17.78 5.33
N ARG B 261 -20.14 17.69 5.48
CA ARG B 261 -19.47 17.26 6.73
C ARG B 261 -19.97 15.86 7.11
N ARG B 262 -19.82 14.88 6.23
CA ARG B 262 -20.33 13.52 6.50
C ARG B 262 -19.18 12.58 6.84
N HIS B 263 -17.96 13.13 7.05
CA HIS B 263 -16.75 12.35 7.38
C HIS B 263 -16.60 12.18 8.91
N ILE B 264 -16.24 10.96 9.31
CA ILE B 264 -15.69 10.64 10.65
C ILE B 264 -14.22 10.23 10.42
N PHE B 265 -13.29 10.88 11.12
CA PHE B 265 -11.86 10.52 11.14
C PHE B 265 -11.56 9.92 12.51
N THR B 266 -11.34 8.62 12.58
CA THR B 266 -11.14 7.91 13.87
C THR B 266 -9.85 8.39 14.56
N SER B 267 -9.81 8.33 15.87
CA SER B 267 -8.56 8.34 16.66
C SER B 267 -7.76 7.08 16.32
N LYS B 268 -6.48 7.05 16.63
CA LYS B 268 -5.66 5.83 16.52
C LYS B 268 -6.27 4.68 17.35
N GLU B 269 -6.73 4.95 18.59
CA GLU B 269 -7.33 3.90 19.42
C GLU B 269 -8.54 3.28 18.70
N GLN B 270 -9.41 4.14 18.15
CA GLN B 270 -10.63 3.66 17.43
C GLN B 270 -10.23 2.84 16.19
N ALA B 271 -9.29 3.31 15.40
CA ALA B 271 -8.82 2.60 14.18
C ALA B 271 -8.26 1.21 14.59
N GLY B 272 -7.46 1.19 15.65
CA GLY B 272 -6.92 -0.07 16.19
C GLY B 272 -8.03 -1.01 16.61
N ALA B 273 -9.02 -0.52 17.35
CA ALA B 273 -10.13 -1.34 17.89
C ALA B 273 -10.93 -1.95 16.73
N ILE B 274 -11.19 -1.19 15.67
CA ILE B 274 -11.85 -1.79 14.46
C ILE B 274 -10.96 -2.87 13.86
N ALA B 275 -9.63 -2.59 13.76
CA ALA B 275 -8.65 -3.49 13.13
C ALA B 275 -8.54 -4.81 13.93
N PHE B 276 -8.63 -4.76 15.25
CA PHE B 276 -8.47 -5.98 16.10
C PHE B 276 -9.76 -6.80 16.11
N SER B 277 -10.90 -6.11 15.94
CA SER B 277 -12.25 -6.70 15.88
C SER B 277 -12.32 -7.87 16.89
N SER B 278 -12.08 -7.58 18.19
CA SER B 278 -11.97 -8.66 19.20
C SER B 278 -13.05 -8.54 20.26
N VAL B 279 -13.14 -9.55 21.15
CA VAL B 279 -14.14 -9.47 22.24
C VAL B 279 -13.80 -8.27 23.13
N LEU B 280 -12.55 -7.80 23.17
CA LEU B 280 -12.20 -6.66 24.06
C LEU B 280 -12.22 -5.37 23.24
N SER B 281 -11.96 -5.43 21.91
CA SER B 281 -11.82 -4.18 21.10
C SER B 281 -13.18 -3.68 20.65
N TYR B 282 -14.08 -4.58 20.32
CA TYR B 282 -15.41 -4.17 19.77
C TYR B 282 -16.19 -3.32 20.80
N PRO B 283 -16.18 -3.61 22.13
CA PRO B 283 -16.87 -2.71 23.05
C PRO B 283 -16.37 -1.26 22.97
N VAL B 284 -15.12 -1.07 22.65
CA VAL B 284 -14.54 0.31 22.52
C VAL B 284 -15.21 0.96 21.32
N VAL B 285 -15.38 0.19 20.23
CA VAL B 285 -16.02 0.73 19.00
C VAL B 285 -17.48 1.09 19.38
N ALA B 286 -18.17 0.20 20.08
CA ALA B 286 -19.59 0.44 20.42
C ALA B 286 -19.70 1.70 21.29
N GLU B 287 -18.72 1.93 22.16
CA GLU B 287 -18.73 3.12 23.05
C GLU B 287 -18.38 4.40 22.23
N GLN B 288 -17.35 4.38 21.38
CA GLN B 288 -16.74 5.65 20.87
C GLN B 288 -17.25 6.05 19.49
N LEU B 289 -17.74 5.12 18.68
CA LEU B 289 -18.21 5.47 17.30
C LEU B 289 -19.62 6.07 17.29
N PRO B 290 -20.62 5.50 18.02
CA PRO B 290 -21.99 6.00 17.91
C PRO B 290 -22.14 7.51 18.05
N PRO B 291 -21.51 8.20 19.03
CA PRO B 291 -21.69 9.63 19.19
C PRO B 291 -21.19 10.36 17.95
N GLN B 292 -20.22 9.80 17.25
CA GLN B 292 -19.64 10.44 16.05
C GLN B 292 -20.65 10.28 14.88
N ILE B 293 -21.26 9.09 14.77
CA ILE B 293 -22.25 8.79 13.73
C ILE B 293 -23.42 9.74 13.96
N SER B 294 -23.85 9.82 15.23
CA SER B 294 -25.04 10.63 15.63
CA SER B 294 -25.00 10.64 15.70
C SER B 294 -24.79 12.10 15.27
N GLN B 295 -23.57 12.58 15.42
CA GLN B 295 -23.28 14.00 15.06
C GLN B 295 -23.55 14.14 13.56
N ILE B 296 -23.26 13.12 12.75
CA ILE B 296 -23.44 13.28 11.29
C ILE B 296 -24.90 13.07 10.87
N LEU B 297 -25.51 11.97 11.26
CA LEU B 297 -26.89 11.63 10.82
C LEU B 297 -27.95 12.41 11.64
N GLY B 298 -27.63 13.02 12.77
CA GLY B 298 -28.67 13.25 13.81
C GLY B 298 -28.87 11.98 14.64
N ALA B 299 -29.19 12.06 15.93
CA ALA B 299 -29.28 10.82 16.74
C ALA B 299 -30.37 9.95 16.08
S SO4 C . 23.51 -7.62 -23.02
O1 SO4 C . 23.10 -6.26 -22.71
O2 SO4 C . 22.73 -8.59 -22.29
O3 SO4 C . 23.32 -7.82 -24.43
O4 SO4 C . 24.89 -7.76 -22.67
S SO3 D . 6.07 10.31 -28.29
O1 SO3 D . 7.45 10.85 -28.40
O2 SO3 D . 6.25 8.91 -27.75
O3 SO3 D . 5.45 11.05 -27.13
C1 GOL E . 18.97 -7.63 -5.71
O1 GOL E . 20.12 -6.81 -5.69
C2 GOL E . 18.09 -7.41 -4.49
O2 GOL E . 17.57 -6.08 -4.48
C3 GOL E . 16.96 -8.41 -4.43
O3 GOL E . 17.42 -9.75 -4.55
C1 GOL F . 8.88 2.93 -5.35
O1 GOL F . 8.10 3.27 -6.48
C2 GOL F . 8.05 2.94 -4.09
O2 GOL F . 8.05 4.26 -3.53
C3 GOL F . 8.50 1.92 -3.06
O3 GOL F . 9.86 2.12 -2.67
C1 EDO G . 17.96 24.50 -28.40
O1 EDO G . 16.64 24.10 -28.05
C2 EDO G . 19.04 24.21 -27.43
O2 EDO G . 19.10 22.88 -26.97
C1 GOL H . -35.60 -0.15 7.73
O1 GOL H . -36.47 0.56 8.62
C2 GOL H . -35.90 -1.64 7.66
O2 GOL H . -37.17 -1.81 7.06
C3 GOL H . -35.80 -2.41 8.98
O3 GOL H . -35.36 -3.78 8.82
C1 GOL I . 6.12 -3.06 33.48
O1 GOL I . 7.14 -3.54 34.37
C2 GOL I . 4.86 -3.89 33.60
O2 GOL I . 3.75 -3.18 33.04
C3 GOL I . 4.61 -4.33 35.02
O3 GOL I . 5.25 -5.58 35.31
C1 EDO J . -8.19 12.79 13.99
O1 EDO J . -9.21 12.47 14.91
C2 EDO J . -7.62 11.55 13.40
O2 EDO J . -7.08 10.63 14.36
#